data_6B18
#
_entry.id   6B18
#
_cell.length_a   111.475
_cell.length_b   111.475
_cell.length_c   175.733
_cell.angle_alpha   90.00
_cell.angle_beta   90.00
_cell.angle_gamma   90.00
#
_symmetry.space_group_name_H-M   'I 41 2 2'
#
loop_
_entity.id
_entity.type
_entity.pdbx_description
1 polymer 'PPK3 Class III'
2 non-polymer '{[(4-benzylphenyl)amino]methylene}bis(phosphonic acid)'
3 non-polymer 'PHOSPHATE ION'
4 non-polymer GLYCEROL
5 water water
#
_entity_poly.entity_id   1
_entity_poly.type   'polypeptide(L)'
_entity_poly.pdbx_seq_one_letter_code
;SNAMATDFSKLSKYVETLRVKPKQSIDLKKDFDTDYDHKMLTKEEGEELLNLGISKLSEIQEKLYASGTKSVLIVFQAMD
AAGKDGTVKHIMTGLNPQGVKVTSFKVPSKIELSHDYLWRHYVALPATGEIGIFNRSHYENVLVTRVHPEYLLSEQTSGV
TAIEQVNQKFWDKRFQQINNFEQHISENGTIVLKFFLHVSKKEQKKRFIERIELDTKNWKFSTGDLKERAHWKDYRNAYE
DMLANTSTKQAPWFVIPADDKWFTRLLIAEIICTELEKLNLTFPTVSLEQKAELEKAKAELVAEKSSD
;
_entity_poly.pdbx_strand_id   A
#
loop_
_chem_comp.id
_chem_comp.type
_chem_comp.name
_chem_comp.formula
C8A non-polymer '{[(4-benzylphenyl)amino]methylene}bis(phosphonic acid)' 'C14 H17 N O6 P2'
GOL non-polymer GLYCEROL 'C3 H8 O3'
PO4 non-polymer 'PHOSPHATE ION' 'O4 P -3'
#
# COMPACT_ATOMS: atom_id res chain seq x y z
N THR A 6 -8.43 -26.93 -4.12
CA THR A 6 -8.60 -26.34 -2.76
C THR A 6 -8.94 -24.84 -2.85
N ASP A 7 -9.68 -24.36 -1.85
CA ASP A 7 -10.12 -22.99 -1.80
C ASP A 7 -8.95 -22.02 -1.87
N PHE A 8 -7.90 -22.31 -1.09
CA PHE A 8 -6.75 -21.43 -1.03
C PHE A 8 -6.09 -21.35 -2.38
N SER A 9 -6.01 -22.51 -3.04
CA SER A 9 -5.47 -22.61 -4.40
C SER A 9 -6.34 -21.80 -5.37
N LYS A 10 -7.65 -21.87 -5.20
CA LYS A 10 -8.57 -21.02 -5.98
C LYS A 10 -8.39 -19.54 -5.66
N LEU A 11 -8.10 -19.21 -4.40
CA LEU A 11 -7.81 -17.83 -4.02
C LEU A 11 -6.50 -17.36 -4.63
N SER A 12 -5.51 -18.22 -4.55
CA SER A 12 -4.20 -17.93 -5.11
C SER A 12 -4.25 -17.62 -6.62
N LYS A 13 -5.10 -18.34 -7.35
CA LYS A 13 -5.28 -18.10 -8.77
C LYS A 13 -5.96 -16.74 -9.04
N TYR A 14 -7.03 -16.45 -8.31
CA TYR A 14 -7.72 -15.15 -8.43
C TYR A 14 -6.77 -13.96 -8.19
N VAL A 15 -5.97 -14.07 -7.14
CA VAL A 15 -4.99 -13.04 -6.82
C VAL A 15 -4.13 -12.65 -7.99
N GLU A 16 -3.69 -13.63 -8.78
CA GLU A 16 -2.86 -13.31 -9.94
C GLU A 16 -3.53 -12.49 -11.03
N THR A 17 -4.85 -12.57 -11.09
CA THR A 17 -5.61 -11.72 -12.00
C THR A 17 -5.63 -10.23 -11.62
N LEU A 18 -5.31 -9.93 -10.36
CA LEU A 18 -5.32 -8.57 -9.80
C LEU A 18 -4.03 -7.81 -10.06
N ARG A 19 -2.96 -8.53 -10.40
N ARG A 19 -2.97 -8.53 -10.42
CA ARG A 19 -1.67 -7.90 -10.63
CA ARG A 19 -1.68 -7.93 -10.66
C ARG A 19 -1.72 -7.19 -11.98
C ARG A 19 -1.71 -7.20 -11.99
N VAL A 20 -1.27 -5.94 -12.01
CA VAL A 20 -1.21 -5.17 -13.24
C VAL A 20 0.06 -5.51 -14.00
N LYS A 21 -0.10 -6.04 -15.22
CA LYS A 21 1.06 -6.40 -16.04
C LYS A 21 1.65 -5.15 -16.65
N PRO A 22 2.99 -5.11 -16.79
CA PRO A 22 3.67 -3.91 -17.28
C PRO A 22 3.13 -3.35 -18.60
N LYS A 23 2.96 -4.23 -19.58
CA LYS A 23 2.53 -3.83 -20.92
C LYS A 23 1.02 -3.98 -21.11
N GLN A 24 0.23 -3.81 -20.06
CA GLN A 24 -1.22 -3.93 -20.15
C GLN A 24 -1.80 -2.49 -20.19
N SER A 25 -2.95 -2.34 -20.85
CA SER A 25 -3.74 -1.10 -20.87
C SER A 25 -4.83 -1.23 -19.79
N ILE A 26 -5.36 -0.13 -19.29
CA ILE A 26 -6.27 -0.24 -18.14
C ILE A 26 -7.56 0.51 -18.35
N ASP A 27 -8.64 -0.20 -18.07
CA ASP A 27 -9.97 0.37 -18.06
C ASP A 27 -10.63 -0.11 -16.77
N LEU A 28 -10.79 0.80 -15.80
CA LEU A 28 -11.21 0.38 -14.48
C LEU A 28 -12.68 -0.01 -14.42
N LYS A 29 -13.51 0.57 -15.29
CA LYS A 29 -14.89 0.11 -15.49
C LYS A 29 -14.99 -1.36 -15.90
N LYS A 30 -14.20 -1.73 -16.89
CA LYS A 30 -14.33 -3.00 -17.61
C LYS A 30 -13.33 -4.07 -17.13
N ASP A 31 -12.04 -3.73 -17.16
CA ASP A 31 -10.96 -4.71 -16.92
C ASP A 31 -10.73 -5.14 -15.45
N PHE A 32 -11.41 -4.50 -14.47
CA PHE A 32 -11.13 -4.75 -13.04
C PHE A 32 -12.39 -4.53 -12.25
N ASP A 33 -12.72 -5.48 -11.38
CA ASP A 33 -13.92 -5.45 -10.59
C ASP A 33 -13.74 -4.65 -9.29
N THR A 34 -14.82 -4.02 -8.82
CA THR A 34 -14.88 -3.45 -7.48
C THR A 34 -15.49 -4.42 -6.49
N ASP A 35 -16.24 -5.39 -6.98
CA ASP A 35 -16.61 -6.50 -6.13
C ASP A 35 -16.66 -7.75 -6.97
N TYR A 36 -16.44 -8.88 -6.32
CA TYR A 36 -16.27 -10.12 -7.01
C TYR A 36 -17.39 -11.07 -6.60
N ASP A 37 -18.05 -11.66 -7.61
CA ASP A 37 -19.24 -12.52 -7.41
C ASP A 37 -18.92 -13.94 -7.08
N HIS A 38 -17.86 -14.44 -7.71
CA HIS A 38 -17.51 -15.85 -7.68
C HIS A 38 -16.53 -16.09 -6.54
N LYS A 39 -16.85 -15.59 -5.35
CA LYS A 39 -15.95 -15.76 -4.22
C LYS A 39 -15.86 -17.25 -3.90
N MET A 40 -14.63 -17.72 -3.72
CA MET A 40 -14.37 -19.13 -3.48
C MET A 40 -14.44 -19.51 -2.00
N LEU A 41 -14.97 -18.61 -1.15
CA LEU A 41 -15.16 -18.92 0.27
C LEU A 41 -16.20 -18.03 0.92
N THR A 42 -16.68 -18.48 2.08
CA THR A 42 -17.63 -17.71 2.88
C THR A 42 -16.86 -16.64 3.63
N LYS A 43 -17.62 -15.63 4.08
CA LYS A 43 -17.12 -14.56 4.90
C LYS A 43 -16.48 -15.08 6.20
N GLU A 44 -17.13 -16.02 6.86
CA GLU A 44 -16.61 -16.61 8.10
C GLU A 44 -15.31 -17.39 7.85
N GLU A 45 -15.20 -18.00 6.67
CA GLU A 45 -13.94 -18.64 6.23
C GLU A 45 -12.85 -17.61 5.93
N GLY A 46 -13.24 -16.52 5.25
CA GLY A 46 -12.32 -15.44 4.92
C GLY A 46 -11.72 -14.79 6.15
N GLU A 47 -12.54 -14.61 7.19
CA GLU A 47 -12.07 -14.09 8.46
C GLU A 47 -11.12 -15.03 9.18
N GLU A 48 -11.36 -16.32 9.04
CA GLU A 48 -10.45 -17.32 9.58
C GLU A 48 -9.09 -17.25 8.88
N LEU A 49 -9.14 -17.21 7.56
CA LEU A 49 -7.93 -17.22 6.76
C LEU A 49 -7.16 -15.91 6.94
N LEU A 50 -7.88 -14.80 6.97
CA LEU A 50 -7.28 -13.49 7.20
C LEU A 50 -6.49 -13.50 8.51
N ASN A 51 -7.07 -14.11 9.53
CA ASN A 51 -6.36 -14.22 10.80
C ASN A 51 -5.04 -15.07 10.73
N LEU A 52 -5.07 -16.16 9.96
CA LEU A 52 -3.85 -16.93 9.74
C LEU A 52 -2.85 -16.07 9.02
N GLY A 53 -3.32 -15.26 8.06
CA GLY A 53 -2.44 -14.36 7.33
C GLY A 53 -1.74 -13.30 8.14
N ILE A 54 -2.43 -12.79 9.16
CA ILE A 54 -1.91 -11.77 10.01
C ILE A 54 -0.82 -12.38 10.86
N SER A 55 -1.09 -13.57 11.41
CA SER A 55 -0.07 -14.31 12.15
C SER A 55 1.14 -14.68 11.34
N LYS A 56 0.94 -15.10 10.09
CA LYS A 56 2.09 -15.38 9.21
C LYS A 56 2.91 -14.11 8.95
N LEU A 57 2.20 -13.03 8.69
CA LEU A 57 2.86 -11.74 8.42
C LEU A 57 3.65 -11.30 9.64
N SER A 58 3.10 -11.59 10.81
CA SER A 58 3.80 -11.27 12.04
C SER A 58 5.10 -12.06 12.19
N GLU A 59 5.04 -13.36 11.93
CA GLU A 59 6.27 -14.17 11.86
C GLU A 59 7.26 -13.62 10.83
N ILE A 60 6.80 -13.23 9.66
CA ILE A 60 7.68 -12.68 8.62
C ILE A 60 8.38 -11.42 9.11
N GLN A 61 7.59 -10.51 9.69
CA GLN A 61 8.09 -9.27 10.25
C GLN A 61 9.15 -9.50 11.28
N GLU A 62 8.90 -10.41 12.20
CA GLU A 62 9.92 -10.76 13.17
C GLU A 62 11.23 -11.29 12.55
N LYS A 63 11.11 -12.13 11.53
CA LYS A 63 12.31 -12.66 10.86
C LYS A 63 13.02 -11.51 10.14
N LEU A 64 12.23 -10.63 9.52
CA LEU A 64 12.78 -9.50 8.79
C LEU A 64 13.54 -8.53 9.69
N TYR A 65 12.97 -8.24 10.82
CA TYR A 65 13.61 -7.39 11.76
C TYR A 65 14.87 -8.02 12.30
N ALA A 66 14.78 -9.26 12.65
CA ALA A 66 15.90 -9.96 13.22
C ALA A 66 17.09 -10.20 12.35
N SER A 67 16.86 -10.60 11.14
CA SER A 67 17.97 -10.98 10.33
C SER A 67 18.07 -10.40 8.97
N GLY A 68 16.96 -10.15 8.33
CA GLY A 68 16.94 -9.71 6.97
C GLY A 68 17.71 -8.51 6.46
N THR A 69 18.15 -8.69 5.25
CA THR A 69 18.91 -7.73 4.55
C THR A 69 18.03 -6.84 3.67
N LYS A 70 16.73 -6.95 3.87
CA LYS A 70 15.74 -6.25 3.10
C LYS A 70 14.88 -5.28 3.95
N SER A 71 14.34 -4.25 3.30
CA SER A 71 13.24 -3.47 3.83
C SER A 71 12.03 -3.78 2.97
N VAL A 72 10.87 -3.36 3.42
CA VAL A 72 9.61 -3.57 2.70
C VAL A 72 8.85 -2.26 2.72
N LEU A 73 8.36 -1.86 1.55
CA LEU A 73 7.52 -0.64 1.38
C LEU A 73 6.23 -1.04 0.77
N ILE A 74 5.15 -0.73 1.43
CA ILE A 74 3.84 -1.05 0.99
C ILE A 74 3.11 0.27 0.85
N VAL A 75 2.54 0.47 -0.33
CA VAL A 75 1.82 1.65 -0.70
C VAL A 75 0.34 1.29 -0.79
N PHE A 76 -0.50 2.16 -0.22
CA PHE A 76 -1.94 2.13 -0.40
C PHE A 76 -2.41 3.43 -1.04
N GLN A 77 -3.17 3.30 -2.15
CA GLN A 77 -3.93 4.39 -2.77
C GLN A 77 -5.35 3.92 -2.98
N ALA A 78 -6.30 4.86 -2.93
CA ALA A 78 -7.72 4.58 -3.02
C ALA A 78 -8.51 5.88 -3.05
N MET A 79 -9.74 5.83 -3.56
CA MET A 79 -10.71 6.88 -3.39
C MET A 79 -11.17 6.89 -1.95
N ASP A 80 -11.72 8.00 -1.47
CA ASP A 80 -12.21 8.05 -0.07
C ASP A 80 -13.27 7.00 0.14
N ALA A 81 -13.30 6.44 1.33
CA ALA A 81 -14.21 5.40 1.76
C ALA A 81 -14.03 4.06 1.09
N ALA A 82 -12.90 3.81 0.44
CA ALA A 82 -12.61 2.49 -0.10
C ALA A 82 -12.27 1.47 0.98
N GLY A 83 -11.93 1.93 2.19
CA GLY A 83 -11.52 1.03 3.31
C GLY A 83 -10.03 1.04 3.61
N LYS A 84 -9.32 2.04 3.07
CA LYS A 84 -7.86 2.09 3.12
C LYS A 84 -7.28 2.18 4.55
N ASP A 85 -7.76 3.17 5.33
CA ASP A 85 -7.37 3.31 6.74
C ASP A 85 -7.70 2.09 7.60
N GLY A 86 -8.89 1.52 7.41
CA GLY A 86 -9.28 0.30 8.12
C GLY A 86 -8.40 -0.89 7.80
N THR A 87 -8.13 -1.09 6.52
CA THR A 87 -7.20 -2.09 6.08
C THR A 87 -5.81 -1.87 6.68
N VAL A 88 -5.28 -0.66 6.59
CA VAL A 88 -3.97 -0.39 7.18
C VAL A 88 -4.01 -0.76 8.64
N LYS A 89 -5.09 -0.41 9.33
CA LYS A 89 -5.17 -0.61 10.76
C LYS A 89 -5.27 -2.11 11.10
N HIS A 90 -6.04 -2.85 10.32
CA HIS A 90 -6.11 -4.29 10.53
C HIS A 90 -4.74 -4.99 10.42
N ILE A 91 -4.06 -4.76 9.30
CA ILE A 91 -2.73 -5.29 9.08
C ILE A 91 -1.82 -4.94 10.26
N MET A 92 -1.86 -3.70 10.66
CA MET A 92 -0.90 -3.14 11.57
C MET A 92 -0.92 -3.70 12.99
N THR A 93 -2.10 -3.98 13.52
CA THR A 93 -2.20 -4.34 14.94
C THR A 93 -1.74 -5.79 15.19
N GLY A 94 -1.74 -6.60 14.12
CA GLY A 94 -1.02 -7.86 14.11
C GLY A 94 0.51 -7.77 14.21
N LEU A 95 1.11 -6.61 13.95
CA LEU A 95 2.56 -6.47 13.87
C LEU A 95 3.21 -5.80 15.08
N ASN A 96 4.49 -6.06 15.25
CA ASN A 96 5.33 -5.42 16.25
C ASN A 96 5.50 -3.96 15.85
N PRO A 97 5.22 -3.04 16.77
CA PRO A 97 5.37 -1.62 16.44
C PRO A 97 6.82 -1.20 16.25
N GLN A 98 7.71 -1.88 16.94
CA GLN A 98 9.15 -1.72 16.78
C GLN A 98 9.62 -1.75 15.31
N GLY A 99 9.03 -2.63 14.50
CA GLY A 99 9.54 -2.86 13.16
C GLY A 99 8.71 -2.36 12.01
N VAL A 100 7.61 -1.67 12.30
CA VAL A 100 6.66 -1.19 11.30
C VAL A 100 6.36 0.29 11.53
N LYS A 101 6.19 1.04 10.46
CA LYS A 101 6.01 2.48 10.52
C LYS A 101 5.01 2.83 9.43
N VAL A 102 3.87 3.38 9.85
CA VAL A 102 2.89 3.95 8.93
C VAL A 102 3.13 5.43 8.81
N THR A 103 3.14 5.94 7.59
CA THR A 103 3.24 7.33 7.32
C THR A 103 2.04 7.63 6.44
N SER A 104 1.11 8.43 6.96
CA SER A 104 0.00 8.99 6.18
C SER A 104 0.40 10.35 5.71
N PHE A 105 0.74 10.51 4.44
CA PHE A 105 1.20 11.80 3.97
C PHE A 105 0.04 12.75 3.69
N LYS A 106 -0.09 13.76 4.59
CA LYS A 106 -1.00 14.93 4.46
C LYS A 106 -0.53 15.90 3.37
N VAL A 107 -1.23 17.03 3.26
CA VAL A 107 -0.77 18.16 2.41
C VAL A 107 0.65 18.55 2.81
N PRO A 108 1.49 18.89 1.80
CA PRO A 108 2.86 19.18 2.15
C PRO A 108 2.98 20.41 3.04
N SER A 109 3.85 20.30 4.04
CA SER A 109 4.36 21.45 4.80
C SER A 109 5.04 22.47 3.87
N LYS A 110 5.25 23.66 4.43
CA LYS A 110 6.02 24.70 3.76
C LYS A 110 7.41 24.15 3.39
N ILE A 111 8.09 23.49 4.35
CA ILE A 111 9.43 22.93 4.13
C ILE A 111 9.44 21.86 3.00
N GLU A 112 8.53 20.91 3.10
CA GLU A 112 8.33 19.89 2.09
C GLU A 112 8.05 20.47 0.67
N LEU A 113 7.35 21.61 0.64
CA LEU A 113 7.09 22.33 -0.58
C LEU A 113 8.31 23.05 -1.16
N SER A 114 9.34 23.24 -0.34
CA SER A 114 10.63 23.76 -0.80
C SER A 114 11.59 22.63 -1.30
N HIS A 115 11.15 21.36 -1.31
CA HIS A 115 11.91 20.29 -1.98
C HIS A 115 11.07 19.72 -3.08
N ASP A 116 11.67 18.91 -3.93
CA ASP A 116 10.94 18.21 -4.94
C ASP A 116 9.92 17.21 -4.29
N TYR A 117 8.94 16.83 -5.08
CA TYR A 117 7.81 16.10 -4.59
C TYR A 117 8.16 14.70 -4.07
N LEU A 118 9.27 14.09 -4.52
CA LEU A 118 9.69 12.84 -3.94
C LEU A 118 10.43 12.95 -2.62
N TRP A 119 10.97 14.10 -2.29
CA TRP A 119 11.89 14.21 -1.18
C TRP A 119 11.37 13.67 0.15
N ARG A 120 10.16 14.10 0.49
CA ARG A 120 9.58 13.69 1.75
C ARG A 120 9.32 12.17 1.79
N HIS A 121 9.12 11.56 0.65
CA HIS A 121 8.88 10.10 0.56
C HIS A 121 10.18 9.34 0.73
N TYR A 122 11.23 9.87 0.13
CA TYR A 122 12.59 9.36 0.27
C TYR A 122 13.05 9.41 1.73
N VAL A 123 12.82 10.54 2.35
CA VAL A 123 13.17 10.74 3.73
C VAL A 123 12.52 9.72 4.65
N ALA A 124 11.26 9.39 4.40
CA ALA A 124 10.51 8.42 5.16
C ALA A 124 10.70 6.94 4.77
N LEU A 125 11.61 6.57 3.86
CA LEU A 125 11.74 5.17 3.49
C LEU A 125 12.11 4.24 4.69
N PRO A 126 11.68 2.97 4.63
CA PRO A 126 12.06 2.04 5.71
C PRO A 126 13.53 1.65 5.70
N ALA A 127 14.12 1.60 6.90
CA ALA A 127 15.46 1.11 7.09
C ALA A 127 15.44 -0.40 6.94
N THR A 128 16.61 -0.95 6.63
CA THR A 128 16.77 -2.36 6.48
C THR A 128 16.32 -3.11 7.76
N GLY A 129 15.49 -4.12 7.54
CA GLY A 129 14.84 -4.91 8.54
C GLY A 129 13.47 -4.38 8.90
N GLU A 130 13.07 -3.29 8.31
CA GLU A 130 11.80 -2.66 8.58
C GLU A 130 10.75 -2.66 7.49
N ILE A 131 9.54 -2.47 7.93
CA ILE A 131 8.43 -2.34 7.07
C ILE A 131 7.85 -0.92 7.15
N GLY A 132 7.75 -0.24 6.02
CA GLY A 132 7.16 1.07 5.92
C GLY A 132 5.87 0.96 5.14
N ILE A 133 4.80 1.60 5.61
CA ILE A 133 3.54 1.66 4.93
C ILE A 133 3.26 3.12 4.63
N PHE A 134 3.08 3.43 3.34
CA PHE A 134 2.71 4.75 2.90
C PHE A 134 1.20 4.71 2.67
N ASN A 135 0.45 5.34 3.56
CA ASN A 135 -1.00 5.45 3.45
C ASN A 135 -1.17 6.78 2.75
N ARG A 136 -1.53 6.71 1.47
CA ARG A 136 -1.15 7.73 0.47
C ARG A 136 0.39 7.79 0.34
N SER A 137 0.88 8.32 -0.76
CA SER A 137 2.25 8.11 -1.13
C SER A 137 2.65 9.16 -2.11
N HIS A 138 3.85 9.00 -2.61
CA HIS A 138 4.32 9.70 -3.79
C HIS A 138 3.37 9.75 -5.00
N TYR A 139 2.49 8.77 -5.13
CA TYR A 139 1.52 8.73 -6.22
C TYR A 139 0.45 9.83 -6.18
N GLU A 140 0.21 10.42 -5.02
CA GLU A 140 -0.67 11.58 -4.91
C GLU A 140 -0.25 12.69 -5.89
N ASN A 141 1.05 12.75 -6.18
CA ASN A 141 1.58 13.71 -7.13
C ASN A 141 1.28 13.45 -8.62
N VAL A 142 0.60 12.35 -8.92
CA VAL A 142 0.02 12.16 -10.25
C VAL A 142 -1.46 11.86 -10.15
N LEU A 143 -2.07 12.17 -9.01
CA LEU A 143 -3.48 11.88 -8.81
C LEU A 143 -4.19 13.15 -8.33
N VAL A 144 -4.21 13.45 -7.04
CA VAL A 144 -4.87 14.64 -6.58
C VAL A 144 -4.29 15.86 -7.31
N THR A 145 -2.98 15.92 -7.54
CA THR A 145 -2.46 17.12 -8.25
C THR A 145 -2.75 17.09 -9.74
N ARG A 146 -3.07 15.93 -10.31
CA ARG A 146 -3.51 15.91 -11.69
C ARG A 146 -4.99 16.31 -11.85
N VAL A 147 -5.82 15.95 -10.89
CA VAL A 147 -7.20 16.42 -10.89
C VAL A 147 -7.26 17.92 -10.56
N HIS A 148 -6.29 18.40 -9.77
CA HIS A 148 -6.30 19.78 -9.25
C HIS A 148 -4.99 20.43 -9.55
N PRO A 149 -4.69 20.65 -10.84
CA PRO A 149 -3.39 21.15 -11.28
C PRO A 149 -3.02 22.53 -10.78
N GLU A 150 -3.98 23.29 -10.28
CA GLU A 150 -3.66 24.54 -9.61
C GLU A 150 -2.72 24.30 -8.43
N TYR A 151 -2.74 23.13 -7.81
CA TYR A 151 -1.84 22.84 -6.68
C TYR A 151 -0.36 22.94 -7.04
N LEU A 152 -0.04 22.70 -8.31
CA LEU A 152 1.30 22.78 -8.84
C LEU A 152 1.90 24.19 -8.82
N LEU A 153 1.03 25.19 -8.68
CA LEU A 153 1.46 26.59 -8.62
C LEU A 153 2.05 26.93 -7.25
N SER A 154 1.57 26.29 -6.19
CA SER A 154 2.22 26.37 -4.86
C SER A 154 3.53 25.56 -4.72
N GLU A 155 3.82 24.71 -5.71
CA GLU A 155 5.04 23.88 -5.71
C GLU A 155 6.14 24.66 -6.38
N GLN A 156 7.05 25.17 -5.58
CA GLN A 156 8.14 26.00 -6.02
C GLN A 156 9.17 25.21 -6.85
N THR A 157 9.20 23.88 -6.74
CA THR A 157 10.07 23.02 -7.52
C THR A 157 9.44 22.46 -8.80
N SER A 158 8.13 22.62 -8.99
CA SER A 158 7.41 21.97 -10.09
C SER A 158 7.67 22.61 -11.45
N GLY A 159 8.08 23.88 -11.48
CA GLY A 159 8.29 24.59 -12.73
C GLY A 159 6.99 24.96 -13.48
N VAL A 160 5.87 25.03 -12.76
CA VAL A 160 4.56 25.33 -13.34
C VAL A 160 4.05 26.67 -12.81
N THR A 161 4.09 27.68 -13.67
CA THR A 161 3.51 29.02 -13.40
C THR A 161 2.06 29.19 -13.88
N ALA A 162 1.57 28.30 -14.75
CA ALA A 162 0.21 28.40 -15.30
C ALA A 162 -0.28 27.03 -15.83
N ILE A 163 -1.47 26.62 -15.39
CA ILE A 163 -2.01 25.27 -15.67
C ILE A 163 -2.10 24.84 -17.16
N GLU A 164 -1.95 25.78 -18.10
CA GLU A 164 -2.00 25.45 -19.55
C GLU A 164 -0.74 24.70 -19.92
N GLN A 165 0.33 25.00 -19.18
CA GLN A 165 1.63 24.34 -19.31
C GLN A 165 1.56 22.84 -19.01
N VAL A 166 0.61 22.43 -18.19
CA VAL A 166 0.43 21.00 -17.84
C VAL A 166 -0.20 20.26 -19.01
N ASN A 167 0.44 19.17 -19.41
CA ASN A 167 -0.03 18.29 -20.47
C ASN A 167 0.38 16.85 -20.17
N GLN A 168 0.15 15.94 -21.11
CA GLN A 168 0.50 14.54 -20.95
C GLN A 168 1.98 14.27 -20.77
N LYS A 169 2.87 15.04 -21.41
CA LYS A 169 4.33 14.84 -21.29
C LYS A 169 4.82 15.07 -19.87
N PHE A 170 4.25 16.08 -19.21
CA PHE A 170 4.50 16.36 -17.82
C PHE A 170 4.23 15.14 -16.93
N TRP A 171 3.12 14.44 -17.18
CA TRP A 171 2.73 13.27 -16.39
C TRP A 171 3.60 12.05 -16.71
N ASP A 172 3.81 11.82 -18.01
CA ASP A 172 4.76 10.81 -18.43
C ASP A 172 6.11 10.99 -17.75
N LYS A 173 6.55 12.22 -17.67
CA LYS A 173 7.80 12.51 -17.06
C LYS A 173 7.77 12.20 -15.54
N ARG A 174 6.66 12.46 -14.84
CA ARG A 174 6.59 12.02 -13.42
C ARG A 174 6.50 10.53 -13.30
N PHE A 175 5.87 9.85 -14.26
CA PHE A 175 5.83 8.40 -14.23
C PHE A 175 7.24 7.82 -14.30
N GLN A 176 8.07 8.41 -15.15
CA GLN A 176 9.43 7.95 -15.34
C GLN A 176 10.28 8.17 -14.08
N GLN A 177 10.09 9.33 -13.47
CA GLN A 177 10.72 9.68 -12.17
C GLN A 177 10.35 8.71 -11.06
N ILE A 178 9.07 8.42 -10.95
CA ILE A 178 8.58 7.47 -9.98
C ILE A 178 9.14 6.10 -10.21
N ASN A 179 9.15 5.65 -11.47
CA ASN A 179 9.73 4.34 -11.80
C ASN A 179 11.21 4.23 -11.49
N ASN A 180 11.95 5.28 -11.81
CA ASN A 180 13.36 5.31 -11.51
C ASN A 180 13.61 5.23 -10.03
N PHE A 181 12.85 5.98 -9.25
CA PHE A 181 12.92 5.94 -7.83
C PHE A 181 12.64 4.55 -7.31
N GLU A 182 11.56 3.93 -7.76
CA GLU A 182 11.22 2.58 -7.30
C GLU A 182 12.20 1.50 -7.74
N GLN A 183 12.78 1.70 -8.90
CA GLN A 183 13.80 0.79 -9.39
C GLN A 183 15.06 0.91 -8.53
N HIS A 184 15.49 2.14 -8.27
CA HIS A 184 16.65 2.36 -7.41
C HIS A 184 16.51 1.68 -6.03
N ILE A 185 15.37 1.85 -5.39
CA ILE A 185 15.24 1.28 -4.06
C ILE A 185 15.13 -0.23 -4.13
N SER A 186 14.49 -0.74 -5.17
CA SER A 186 14.36 -2.19 -5.37
C SER A 186 15.71 -2.88 -5.62
N GLU A 187 16.63 -2.14 -6.24
CA GLU A 187 17.99 -2.62 -6.51
C GLU A 187 18.91 -2.45 -5.29
N ASN A 188 18.43 -1.78 -4.24
CA ASN A 188 19.16 -1.51 -3.00
C ASN A 188 18.39 -1.93 -1.75
N GLY A 189 17.74 -3.09 -1.85
CA GLY A 189 17.24 -3.83 -0.72
C GLY A 189 15.81 -3.67 -0.36
N THR A 190 15.03 -2.84 -1.06
CA THR A 190 13.63 -2.61 -0.68
C THR A 190 12.68 -3.44 -1.54
N ILE A 191 11.77 -4.19 -0.91
CA ILE A 191 10.70 -4.88 -1.65
C ILE A 191 9.53 -3.91 -1.73
N VAL A 192 9.07 -3.60 -2.93
CA VAL A 192 8.01 -2.63 -3.14
C VAL A 192 6.74 -3.30 -3.63
N LEU A 193 5.61 -3.02 -2.99
CA LEU A 193 4.31 -3.65 -3.28
C LEU A 193 3.26 -2.56 -3.19
N LYS A 194 2.42 -2.42 -4.21
CA LYS A 194 1.47 -1.29 -4.25
C LYS A 194 0.06 -1.76 -4.48
N PHE A 195 -0.87 -1.28 -3.62
CA PHE A 195 -2.27 -1.67 -3.64
C PHE A 195 -3.19 -0.50 -3.93
N PHE A 196 -4.01 -0.64 -4.98
CA PHE A 196 -5.08 0.26 -5.28
C PHE A 196 -6.36 -0.45 -4.86
N LEU A 197 -7.00 0.09 -3.80
CA LEU A 197 -8.28 -0.42 -3.36
C LEU A 197 -9.38 0.20 -4.22
N HIS A 198 -10.06 -0.62 -5.01
CA HIS A 198 -10.92 -0.17 -6.12
C HIS A 198 -12.37 -0.29 -5.68
N VAL A 199 -12.92 0.83 -5.20
CA VAL A 199 -14.30 0.88 -4.73
C VAL A 199 -15.18 1.47 -5.83
N SER A 200 -16.41 0.98 -5.94
CA SER A 200 -17.35 1.50 -6.93
C SER A 200 -17.95 2.80 -6.44
N LYS A 201 -18.30 3.65 -7.39
CA LYS A 201 -18.94 4.92 -7.09
C LYS A 201 -20.23 4.76 -6.26
N LYS A 202 -20.99 3.74 -6.60
CA LYS A 202 -22.18 3.35 -5.87
C LYS A 202 -21.89 2.99 -4.40
N GLU A 203 -20.93 2.11 -4.18
CA GLU A 203 -20.56 1.69 -2.81
C GLU A 203 -19.99 2.85 -2.01
N GLN A 204 -19.24 3.74 -2.63
CA GLN A 204 -18.71 4.90 -1.94
C GLN A 204 -19.86 5.73 -1.39
N LYS A 205 -20.86 5.99 -2.24
CA LYS A 205 -22.05 6.72 -1.80
C LYS A 205 -22.71 6.08 -0.60
N LYS A 206 -22.88 4.78 -0.66
CA LYS A 206 -23.54 4.08 0.41
C LYS A 206 -22.76 4.26 1.72
N ARG A 207 -21.44 4.19 1.64
CA ARG A 207 -20.59 4.35 2.81
C ARG A 207 -20.59 5.76 3.35
N PHE A 208 -20.47 6.73 2.46
CA PHE A 208 -20.65 8.16 2.82
C PHE A 208 -21.96 8.41 3.59
N ILE A 209 -23.08 7.94 3.04
CA ILE A 209 -24.38 8.11 3.71
C ILE A 209 -24.40 7.42 5.07
N GLU A 210 -23.92 6.19 5.13
CA GLU A 210 -23.86 5.47 6.40
C GLU A 210 -23.04 6.25 7.47
N ARG A 211 -21.90 6.84 7.08
CA ARG A 211 -21.08 7.68 7.98
C ARG A 211 -21.84 8.94 8.41
N ILE A 212 -22.47 9.60 7.45
CA ILE A 212 -23.30 10.79 7.75
C ILE A 212 -24.38 10.48 8.78
N GLU A 213 -24.95 9.28 8.75
CA GLU A 213 -26.02 8.94 9.68
C GLU A 213 -25.61 8.27 10.99
N LEU A 214 -24.31 8.16 11.26
CA LEU A 214 -23.85 7.56 12.50
C LEU A 214 -23.25 8.66 13.35
N ASP A 215 -23.94 9.00 14.43
CA ASP A 215 -23.53 10.11 15.32
C ASP A 215 -22.16 9.96 15.94
N THR A 216 -21.74 8.72 16.13
CA THR A 216 -20.41 8.43 16.62
C THR A 216 -19.32 8.94 15.67
N LYS A 217 -19.54 8.84 14.36
CA LYS A 217 -18.56 9.26 13.31
C LYS A 217 -18.75 10.69 12.74
N ASN A 218 -19.95 11.24 12.89
CA ASN A 218 -20.36 12.53 12.30
C ASN A 218 -19.43 13.70 12.43
N TRP A 219 -18.86 13.85 13.62
CA TRP A 219 -17.99 14.98 13.95
C TRP A 219 -16.72 15.09 13.11
N LYS A 220 -16.33 14.00 12.44
CA LYS A 220 -15.14 13.98 11.58
C LYS A 220 -15.34 14.62 10.23
N PHE A 221 -16.59 14.83 9.83
CA PHE A 221 -16.87 15.53 8.58
C PHE A 221 -16.47 16.99 8.69
N SER A 222 -15.71 17.45 7.68
CA SER A 222 -15.34 18.86 7.51
C SER A 222 -15.92 19.31 6.20
N THR A 223 -16.00 20.62 6.06
CA THR A 223 -16.63 21.24 4.90
C THR A 223 -15.89 20.77 3.63
N GLY A 224 -16.63 20.32 2.63
CA GLY A 224 -16.02 19.89 1.37
C GLY A 224 -15.37 18.52 1.31
N ASP A 225 -15.69 17.64 2.26
CA ASP A 225 -15.17 16.27 2.24
C ASP A 225 -15.69 15.41 1.07
N LEU A 226 -16.78 15.82 0.43
CA LEU A 226 -17.32 15.13 -0.75
C LEU A 226 -16.82 15.70 -2.07
N LYS A 227 -16.05 16.77 -2.03
CA LYS A 227 -15.64 17.44 -3.26
C LYS A 227 -14.99 16.46 -4.25
N GLU A 228 -14.15 15.54 -3.77
CA GLU A 228 -13.44 14.66 -4.67
C GLU A 228 -14.35 13.73 -5.45
N ARG A 229 -15.49 13.37 -4.86
CA ARG A 229 -16.46 12.54 -5.55
C ARG A 229 -17.03 13.16 -6.83
N ALA A 230 -17.11 14.47 -6.87
CA ALA A 230 -17.54 15.19 -8.07
C ALA A 230 -16.53 15.08 -9.19
N HIS A 231 -15.27 14.81 -8.86
CA HIS A 231 -14.24 14.57 -9.86
C HIS A 231 -13.96 13.10 -10.08
N TRP A 232 -14.95 12.24 -9.83
CA TRP A 232 -14.80 10.80 -9.95
C TRP A 232 -14.11 10.38 -11.27
N LYS A 233 -14.58 10.92 -12.40
CA LYS A 233 -14.04 10.53 -13.71
C LYS A 233 -12.61 10.95 -13.95
N ASP A 234 -12.24 12.12 -13.46
CA ASP A 234 -10.89 12.61 -13.63
C ASP A 234 -9.90 11.81 -12.77
N TYR A 235 -10.30 11.47 -11.55
CA TYR A 235 -9.59 10.50 -10.77
C TYR A 235 -9.46 9.16 -11.51
N ARG A 236 -10.53 8.66 -12.07
CA ARG A 236 -10.46 7.37 -12.77
C ARG A 236 -9.41 7.41 -13.88
N ASN A 237 -9.47 8.46 -14.67
CA ASN A 237 -8.51 8.69 -15.71
C ASN A 237 -7.06 8.73 -15.21
N ALA A 238 -6.84 9.50 -14.16
CA ALA A 238 -5.49 9.66 -13.58
C ALA A 238 -4.98 8.32 -13.01
N TYR A 239 -5.86 7.56 -12.36
CA TYR A 239 -5.54 6.21 -11.88
C TYR A 239 -5.21 5.20 -13.01
N GLU A 240 -6.03 5.20 -14.05
CA GLU A 240 -5.79 4.38 -15.24
C GLU A 240 -4.43 4.65 -15.88
N ASP A 241 -4.14 5.92 -16.15
CA ASP A 241 -2.89 6.30 -16.81
C ASP A 241 -1.70 5.94 -15.89
N MET A 242 -1.87 6.18 -14.58
CA MET A 242 -0.85 5.84 -13.60
C MET A 242 -0.57 4.35 -13.56
N LEU A 243 -1.61 3.54 -13.41
CA LEU A 243 -1.48 2.09 -13.34
C LEU A 243 -0.88 1.44 -14.60
N ALA A 244 -1.12 2.04 -15.75
CA ALA A 244 -0.61 1.52 -17.02
C ALA A 244 0.86 1.84 -17.24
N ASN A 245 1.41 2.79 -16.47
CA ASN A 245 2.77 3.24 -16.67
C ASN A 245 3.67 3.08 -15.46
N THR A 246 3.17 2.59 -14.33
CA THR A 246 4.03 2.46 -13.16
C THR A 246 3.97 1.09 -12.48
N SER A 247 3.29 0.13 -13.09
CA SER A 247 3.36 -1.25 -12.60
C SER A 247 4.52 -1.99 -13.31
N THR A 248 5.54 -2.36 -12.55
CA THR A 248 6.62 -3.15 -13.09
C THR A 248 6.63 -4.47 -12.40
N LYS A 249 7.36 -5.40 -12.99
CA LYS A 249 7.49 -6.75 -12.46
C LYS A 249 8.17 -6.66 -11.10
N GLN A 250 9.12 -5.75 -11.01
CA GLN A 250 9.83 -5.45 -9.81
C GLN A 250 9.03 -4.64 -8.76
N ALA A 251 8.15 -3.75 -9.21
CA ALA A 251 7.31 -2.99 -8.30
C ALA A 251 5.88 -2.99 -8.81
N PRO A 252 5.16 -4.07 -8.53
CA PRO A 252 3.83 -4.22 -9.08
C PRO A 252 2.74 -3.46 -8.36
N TRP A 253 1.78 -2.99 -9.14
CA TRP A 253 0.45 -2.66 -8.64
C TRP A 253 -0.49 -3.89 -8.64
N PHE A 254 -1.28 -3.97 -7.57
CA PHE A 254 -2.45 -4.84 -7.49
C PHE A 254 -3.71 -4.01 -7.32
N VAL A 255 -4.75 -4.34 -8.07
CA VAL A 255 -6.04 -3.67 -8.01
C VAL A 255 -6.99 -4.57 -7.24
N ILE A 256 -7.36 -4.14 -6.07
CA ILE A 256 -8.10 -4.95 -5.17
C ILE A 256 -9.53 -4.46 -5.18
N PRO A 257 -10.50 -5.35 -5.43
CA PRO A 257 -11.91 -4.98 -5.26
C PRO A 257 -12.19 -4.65 -3.81
N ALA A 258 -12.76 -3.46 -3.61
CA ALA A 258 -12.95 -2.88 -2.29
C ALA A 258 -14.38 -2.87 -1.75
N ASP A 259 -15.34 -3.24 -2.58
CA ASP A 259 -16.74 -3.18 -2.16
C ASP A 259 -17.12 -4.15 -1.05
N ASP A 260 -16.34 -5.22 -0.82
CA ASP A 260 -16.54 -6.12 0.33
C ASP A 260 -15.27 -6.13 1.17
N LYS A 261 -15.36 -5.54 2.35
CA LYS A 261 -14.16 -5.21 3.12
C LYS A 261 -13.36 -6.39 3.64
N TRP A 262 -14.06 -7.40 4.17
CA TRP A 262 -13.38 -8.59 4.67
C TRP A 262 -12.57 -9.25 3.58
N PHE A 263 -13.10 -9.23 2.38
CA PHE A 263 -12.45 -9.85 1.24
C PHE A 263 -11.26 -8.99 0.80
N THR A 264 -11.45 -7.67 0.76
CA THR A 264 -10.36 -6.75 0.44
C THR A 264 -9.14 -7.03 1.34
N ARG A 265 -9.40 -7.14 2.64
CA ARG A 265 -8.38 -7.44 3.63
C ARG A 265 -7.75 -8.81 3.44
N LEU A 266 -8.56 -9.83 3.23
CA LEU A 266 -8.05 -11.17 2.92
C LEU A 266 -7.06 -11.13 1.75
N LEU A 267 -7.45 -10.48 0.66
CA LEU A 267 -6.62 -10.41 -0.52
C LEU A 267 -5.27 -9.73 -0.27
N ILE A 268 -5.31 -8.57 0.35
CA ILE A 268 -4.07 -7.84 0.66
C ILE A 268 -3.12 -8.66 1.57
N ALA A 269 -3.67 -9.30 2.60
CA ALA A 269 -2.87 -10.10 3.51
C ALA A 269 -2.24 -11.28 2.78
N GLU A 270 -3.05 -11.92 1.93
CA GLU A 270 -2.58 -13.02 1.11
C GLU A 270 -1.44 -12.60 0.20
N ILE A 271 -1.61 -11.49 -0.51
CA ILE A 271 -0.59 -11.01 -1.44
C ILE A 271 0.70 -10.65 -0.72
N ILE A 272 0.57 -9.99 0.41
CA ILE A 272 1.76 -9.59 1.15
C ILE A 272 2.50 -10.82 1.64
N CYS A 273 1.78 -11.80 2.20
CA CYS A 273 2.38 -13.07 2.60
C CYS A 273 3.03 -13.80 1.45
N THR A 274 2.29 -14.08 0.39
CA THR A 274 2.87 -14.68 -0.83
C THR A 274 4.20 -14.02 -1.21
N GLU A 275 4.19 -12.69 -1.32
CA GLU A 275 5.33 -11.98 -1.89
C GLU A 275 6.49 -12.05 -0.98
N LEU A 276 6.29 -11.85 0.32
CA LEU A 276 7.39 -11.90 1.26
C LEU A 276 7.90 -13.32 1.57
N GLU A 277 7.04 -14.33 1.40
CA GLU A 277 7.51 -15.73 1.38
C GLU A 277 8.60 -16.04 0.35
N LYS A 278 8.67 -15.29 -0.74
CA LYS A 278 9.75 -15.46 -1.71
C LYS A 278 11.11 -15.04 -1.19
N LEU A 279 11.19 -14.32 -0.11
CA LEU A 279 12.48 -13.98 0.48
C LEU A 279 13.09 -15.12 1.28
N ASN A 280 12.33 -16.18 1.61
CA ASN A 280 12.87 -17.33 2.33
C ASN A 280 13.51 -17.00 3.67
N LEU A 281 12.81 -16.14 4.39
CA LEU A 281 13.29 -15.67 5.65
C LEU A 281 13.23 -16.78 6.69
N THR A 282 14.30 -16.85 7.50
CA THR A 282 14.42 -17.78 8.59
C THR A 282 14.92 -17.04 9.82
N PHE A 283 14.59 -17.54 11.01
CA PHE A 283 15.23 -17.05 12.22
C PHE A 283 16.72 -17.41 12.28
N PRO A 284 17.52 -16.56 12.93
CA PRO A 284 18.90 -17.00 13.16
C PRO A 284 18.98 -18.35 13.91
N THR A 285 20.02 -19.10 13.61
CA THR A 285 20.23 -20.38 14.24
C THR A 285 21.37 -20.26 15.22
N VAL A 286 21.35 -21.17 16.18
CA VAL A 286 22.28 -21.16 17.28
C VAL A 286 23.38 -22.14 16.97
N SER A 287 24.58 -21.59 16.81
CA SER A 287 25.77 -22.36 16.50
C SER A 287 26.25 -23.07 17.74
N LEU A 288 27.20 -23.97 17.57
CA LEU A 288 27.81 -24.68 18.68
C LEU A 288 28.45 -23.70 19.66
N GLU A 289 29.21 -22.74 19.15
CA GLU A 289 29.79 -21.72 20.01
C GLU A 289 28.74 -21.04 20.90
N GLN A 290 27.63 -20.60 20.31
CA GLN A 290 26.59 -19.90 21.09
C GLN A 290 25.91 -20.83 22.07
N LYS A 291 25.68 -22.06 21.62
CA LYS A 291 25.16 -23.11 22.48
C LYS A 291 26.01 -23.33 23.73
N ALA A 292 27.34 -23.37 23.53
CA ALA A 292 28.30 -23.46 24.61
C ALA A 292 28.12 -22.30 25.61
N GLU A 293 28.03 -21.08 25.08
CA GLU A 293 27.83 -19.89 25.93
C GLU A 293 26.57 -19.99 26.73
N LEU A 294 25.47 -20.35 26.06
CA LEU A 294 24.19 -20.54 26.73
C LEU A 294 24.30 -21.47 27.92
N GLU A 295 24.85 -22.65 27.69
CA GLU A 295 25.04 -23.63 28.75
C GLU A 295 26.00 -23.15 29.85
N LYS A 296 27.00 -22.38 29.48
CA LYS A 296 27.87 -21.77 30.47
C LYS A 296 27.08 -20.76 31.35
N ALA A 297 26.30 -19.88 30.73
CA ALA A 297 25.49 -18.90 31.45
C ALA A 297 24.54 -19.57 32.41
N LYS A 298 23.90 -20.63 31.94
CA LYS A 298 22.97 -21.37 32.78
C LYS A 298 23.65 -22.03 34.00
N ALA A 299 24.82 -22.62 33.80
CA ALA A 299 25.56 -23.20 34.89
C ALA A 299 25.91 -22.16 35.95
N GLU A 300 26.31 -20.96 35.55
CA GLU A 300 26.58 -19.85 36.51
C GLU A 300 25.39 -19.47 37.37
N LEU A 301 24.19 -19.51 36.78
CA LEU A 301 22.95 -19.21 37.51
C LEU A 301 22.59 -20.29 38.50
N VAL A 302 22.72 -21.55 38.08
CA VAL A 302 22.42 -22.67 38.96
C VAL A 302 23.44 -22.74 40.13
N ALA A 303 24.67 -22.28 39.89
CA ALA A 303 25.74 -22.29 40.89
C ALA A 303 25.82 -21.08 41.86
N GLU A 304 24.84 -20.17 41.87
CA GLU A 304 25.00 -18.90 42.62
C GLU A 304 25.15 -19.02 44.17
C10 C8A B . -15.37 10.58 8.26
C13 C8A B . -18.24 11.78 6.94
C15 C8A B . -18.56 11.60 4.57
C17 C8A B . -16.35 11.77 5.47
O01 C8A B . -15.11 3.16 8.45
P02 C8A B . -14.80 4.59 8.02
O03 C8A B . -13.52 4.60 7.20
O04 C8A B . -15.94 5.12 7.20
C05 C8A B . -14.57 5.64 9.52
N06 C8A B . -13.71 6.76 9.16
C07 C8A B . -14.30 8.07 8.82
C08 C8A B . -15.61 8.39 9.23
C09 C8A B . -16.14 9.63 8.94
C11 C8A B . -15.96 11.95 7.94
C12 C8A B . -16.88 11.83 6.75
C14 C8A B . -19.09 11.66 5.85
C16 C8A B . -17.19 11.65 4.38
C18 C8A B . -14.07 10.27 7.87
C19 C8A B . -13.53 9.03 8.16
P20 C8A B . -13.79 4.77 10.97
O21 C8A B . -13.01 3.57 10.49
O22 C8A B . -14.87 4.32 11.92
O23 C8A B . -12.85 5.73 11.69
P PO4 C . -11.04 5.26 3.93
O1 PO4 C . -9.76 5.29 4.75
O2 PO4 C . -12.03 4.30 4.53
O3 PO4 C . -10.68 4.85 2.51
O4 PO4 C . -11.65 6.64 3.89
C1 GOL D . -0.83 15.72 -0.70
O1 GOL D . -1.33 14.42 -0.35
C2 GOL D . -1.78 16.45 -1.64
O2 GOL D . -3.14 16.32 -1.22
C3 GOL D . -1.53 17.96 -1.77
O3 GOL D . -0.61 18.16 -2.83
#